data_6AQ5
#
_entry.id   6AQ5
#
_cell.length_a   134.950
_cell.length_b   134.950
_cell.length_c   81.794
_cell.angle_alpha   90.00
_cell.angle_beta   90.00
_cell.angle_gamma   120.00
#
_symmetry.space_group_name_H-M   'P 65'
#
loop_
_entity.id
_entity.type
_entity.pdbx_description
1 polymer Lectin
2 branched beta-D-galactopyranose-(1-4)-beta-D-mannopyranose
3 branched beta-D-xylopyranose-(1-2)-[alpha-D-mannopyranose-(1-3)]beta-D-mannopyranose-(1-4)-2-acetamido-2-deoxy-beta-D-glucopyranose-(1-4)-[alpha-L-fucopyranose-(1-3)]2-acetamido-2-deoxy-beta-D-glucopyranose
4 non-polymer 'MANGANESE (II) ION'
5 non-polymer 'CALCIUM ION'
6 non-polymer 'SODIUM ION'
7 non-polymer 2-acetamido-2-deoxy-beta-D-glucopyranose
8 water water
#
_entity_poly.entity_id   1
_entity_poly.type   'polypeptide(L)'
_entity_poly.pdbx_seq_one_letter_code
;VETISFSFSEFEPGNNDLTLQGAAIITQSGVLQLTKINQNGMPAWDSTGRTLYTKPVHIWDMTTGTVASFETRFSFSIEQ
PYTRPLPADGLVFFMGPTKSKPAQGYGYLGVFNNSKQDNSYQTLAVEFDTFSNPWDPPQVPHIGIDVNSIRSIKTQPFQL
DNGQVANVVIKYDASSKILLAVLVYPSSGAIYTIAEIVDVKQVLPEWVDVGLSGATGAQRDAAETHDVYSWSFHASLPE
;
_entity_poly.pdbx_strand_id   A,B
#
# COMPACT_ATOMS: atom_id res chain seq x y z
N VAL A 1 26.19 -8.27 -0.18
CA VAL A 1 24.85 -8.22 0.39
C VAL A 1 24.40 -9.62 0.82
N GLU A 2 23.88 -9.72 2.04
CA GLU A 2 23.38 -10.98 2.58
C GLU A 2 21.86 -10.99 2.41
N THR A 3 21.37 -11.84 1.52
CA THR A 3 19.94 -11.92 1.22
C THR A 3 19.42 -13.32 1.52
N ILE A 4 18.12 -13.39 1.80
CA ILE A 4 17.42 -14.66 1.96
C ILE A 4 16.00 -14.46 1.48
N SER A 5 15.43 -15.51 0.90
CA SER A 5 14.08 -15.40 0.36
C SER A 5 13.50 -16.80 0.21
N PHE A 6 12.18 -16.90 0.42
CA PHE A 6 11.44 -18.11 0.12
C PHE A 6 10.14 -17.73 -0.57
N SER A 7 9.48 -18.72 -1.16
CA SER A 7 8.23 -18.47 -1.86
C SER A 7 7.43 -19.76 -1.89
N PHE A 8 6.32 -19.77 -1.16
CA PHE A 8 5.36 -20.87 -1.17
C PHE A 8 4.13 -20.41 -1.94
N SER A 9 3.93 -20.97 -3.13
CA SER A 9 2.71 -20.69 -3.88
C SER A 9 1.53 -21.47 -3.31
N GLU A 10 1.80 -22.66 -2.78
CA GLU A 10 0.90 -23.40 -1.91
C GLU A 10 1.75 -24.08 -0.85
N PHE A 11 1.11 -24.81 0.06
CA PHE A 11 1.80 -25.48 1.15
C PHE A 11 1.69 -26.98 0.97
N GLU A 12 2.81 -27.69 1.14
CA GLU A 12 2.78 -29.13 1.02
C GLU A 12 3.11 -29.77 2.36
N PRO A 13 2.35 -30.77 2.80
CA PRO A 13 2.63 -31.40 4.08
C PRO A 13 3.99 -32.08 4.09
N GLY A 14 4.64 -32.03 5.26
CA GLY A 14 5.86 -32.78 5.49
C GLY A 14 7.15 -32.03 5.24
N ASN A 15 7.16 -31.07 4.31
CA ASN A 15 8.41 -30.41 3.94
C ASN A 15 8.94 -29.60 5.13
N ASN A 16 10.22 -29.80 5.45
CA ASN A 16 10.81 -29.26 6.66
C ASN A 16 11.38 -27.87 6.48
N ASP A 17 10.87 -27.10 5.53
CA ASP A 17 11.17 -25.68 5.44
C ASP A 17 10.26 -24.83 6.33
N LEU A 18 9.14 -25.40 6.77
CA LEU A 18 8.20 -24.74 7.68
C LEU A 18 8.03 -25.59 8.92
N THR A 19 8.08 -24.95 10.09
CA THR A 19 7.78 -25.60 11.36
C THR A 19 6.35 -25.26 11.77
N LEU A 20 5.55 -26.28 12.07
CA LEU A 20 4.17 -26.10 12.48
C LEU A 20 4.07 -26.19 14.00
N GLN A 21 3.49 -25.16 14.61
CA GLN A 21 3.36 -25.07 16.05
C GLN A 21 1.90 -25.02 16.45
N GLY A 22 1.58 -25.66 17.56
CA GLY A 22 0.22 -25.59 18.10
C GLY A 22 -0.75 -26.37 17.24
N ALA A 23 -1.86 -25.73 16.89
CA ALA A 23 -2.94 -26.37 16.15
C ALA A 23 -2.74 -26.35 14.64
N ALA A 24 -1.67 -25.72 14.15
CA ALA A 24 -1.50 -25.51 12.72
C ALA A 24 -1.29 -26.83 11.99
N ILE A 25 -2.02 -27.02 10.89
CA ILE A 25 -1.81 -28.17 10.00
C ILE A 25 -1.82 -27.68 8.56
N ILE A 26 -1.28 -28.50 7.68
CA ILE A 26 -1.30 -28.27 6.24
C ILE A 26 -2.15 -29.36 5.61
N THR A 27 -3.21 -28.96 4.92
CA THR A 27 -4.11 -29.91 4.32
C THR A 27 -3.48 -30.54 3.08
N GLN A 28 -4.09 -31.66 2.63
CA GLN A 28 -3.64 -32.29 1.39
C GLN A 28 -3.86 -31.36 0.20
N SER A 29 -4.90 -30.53 0.24
CA SER A 29 -5.16 -29.58 -0.82
C SER A 29 -4.19 -28.39 -0.81
N GLY A 30 -3.37 -28.27 0.22
CA GLY A 30 -2.34 -27.26 0.24
C GLY A 30 -2.63 -26.01 1.05
N VAL A 31 -3.59 -26.05 1.96
CA VAL A 31 -3.98 -24.88 2.76
C VAL A 31 -3.34 -24.98 4.13
N LEU A 32 -2.75 -23.88 4.60
CA LEU A 32 -2.26 -23.78 5.97
C LEU A 32 -3.41 -23.31 6.85
N GLN A 33 -4.00 -24.24 7.59
CA GLN A 33 -5.04 -23.93 8.57
C GLN A 33 -4.34 -23.58 9.88
N LEU A 34 -4.20 -22.27 10.15
CA LEU A 34 -3.51 -21.86 11.37
C LEU A 34 -4.26 -22.33 12.61
N THR A 35 -5.58 -22.19 12.62
CA THR A 35 -6.40 -22.67 13.72
C THR A 35 -7.28 -23.83 13.27
N LYS A 36 -7.75 -24.60 14.25
CA LYS A 36 -8.33 -25.91 13.97
C LYS A 36 -9.67 -25.79 13.25
N ILE A 37 -9.87 -26.64 12.24
CA ILE A 37 -11.14 -26.80 11.57
C ILE A 37 -11.70 -28.17 11.95
N ASN A 38 -12.88 -28.18 12.57
CA ASN A 38 -13.48 -29.42 13.01
C ASN A 38 -13.88 -30.29 11.82
N GLN A 39 -14.25 -31.53 12.13
CA GLN A 39 -14.64 -32.48 11.08
C GLN A 39 -15.85 -31.98 10.31
N ASN A 40 -16.74 -31.22 10.95
CA ASN A 40 -17.94 -30.70 10.30
C ASN A 40 -17.66 -29.45 9.45
N GLY A 41 -16.39 -29.09 9.25
CA GLY A 41 -16.04 -27.95 8.45
C GLY A 41 -16.08 -26.62 9.17
N MET A 42 -16.48 -26.59 10.47
CA MET A 42 -16.60 -25.37 11.26
C MET A 42 -15.33 -25.09 12.05
N PRO A 43 -14.98 -23.82 12.24
CA PRO A 43 -13.78 -23.49 13.03
C PRO A 43 -14.00 -23.72 14.51
N ALA A 44 -12.98 -24.23 15.17
CA ALA A 44 -13.04 -24.51 16.60
C ALA A 44 -12.54 -23.32 17.40
N TRP A 45 -13.20 -23.06 18.52
CA TRP A 45 -12.74 -22.04 19.45
C TRP A 45 -11.60 -22.60 20.30
N ASP A 46 -10.97 -21.70 21.06
CA ASP A 46 -9.89 -22.09 21.99
C ASP A 46 -8.73 -22.75 21.25
N SER A 47 -8.43 -22.24 20.05
CA SER A 47 -7.39 -22.81 19.20
C SER A 47 -6.33 -21.76 18.91
N THR A 48 -5.07 -22.20 18.87
CA THR A 48 -3.94 -21.35 18.56
C THR A 48 -2.95 -22.15 17.72
N GLY A 49 -2.46 -21.55 16.64
CA GLY A 49 -1.54 -22.24 15.77
C GLY A 49 -0.63 -21.25 15.09
N ARG A 50 0.62 -21.66 14.87
CA ARG A 50 1.61 -20.83 14.22
C ARG A 50 2.42 -21.68 13.24
N THR A 51 3.09 -20.99 12.33
CA THR A 51 4.13 -21.60 11.52
C THR A 51 5.33 -20.67 11.50
N LEU A 52 6.53 -21.25 11.39
CA LEU A 52 7.77 -20.51 11.35
C LEU A 52 8.61 -20.99 10.18
N TYR A 53 9.25 -20.06 9.48
CA TYR A 53 10.28 -20.43 8.52
C TYR A 53 11.48 -20.96 9.28
N THR A 54 11.98 -22.12 8.86
CA THR A 54 12.99 -22.83 9.64
C THR A 54 14.34 -22.12 9.63
N LYS A 55 14.64 -21.37 8.57
CA LYS A 55 15.97 -20.76 8.62
C LYS A 55 15.91 -19.32 9.13
N PRO A 56 16.85 -18.90 9.98
CA PRO A 56 16.79 -17.55 10.54
C PRO A 56 17.17 -16.51 9.50
N VAL A 57 16.77 -15.27 9.78
CA VAL A 57 16.97 -14.14 8.88
C VAL A 57 17.86 -13.13 9.59
N HIS A 58 18.92 -12.69 8.92
CA HIS A 58 19.81 -11.66 9.45
C HIS A 58 19.23 -10.31 9.07
N ILE A 59 18.81 -9.54 10.08
CA ILE A 59 18.06 -8.31 9.85
C ILE A 59 18.94 -7.09 10.07
N TRP A 60 19.86 -7.15 11.02
CA TRP A 60 20.82 -6.06 11.20
C TRP A 60 22.07 -6.59 11.89
N ASP A 61 23.09 -5.74 11.94
CA ASP A 61 24.41 -6.10 12.46
C ASP A 61 24.91 -4.97 13.33
N MET A 62 25.24 -5.29 14.59
CA MET A 62 25.58 -4.25 15.55
C MET A 62 26.97 -3.67 15.31
N THR A 63 27.90 -4.47 14.78
CA THR A 63 29.23 -3.95 14.46
C THR A 63 29.16 -2.90 13.36
N THR A 64 28.67 -3.30 12.18
CA THR A 64 28.68 -2.44 11.01
C THR A 64 27.53 -1.43 10.99
N GLY A 65 26.52 -1.59 11.83
CA GLY A 65 25.41 -0.67 11.88
C GLY A 65 24.40 -0.80 10.76
N THR A 66 24.56 -1.77 9.87
CA THR A 66 23.67 -1.94 8.73
C THR A 66 22.35 -2.58 9.17
N VAL A 67 21.27 -2.18 8.49
CA VAL A 67 19.93 -2.71 8.74
C VAL A 67 19.35 -3.19 7.42
N ALA A 68 18.79 -4.39 7.40
CA ALA A 68 18.23 -4.96 6.18
C ALA A 68 16.88 -4.33 5.86
N SER A 69 16.55 -4.34 4.56
CA SER A 69 15.20 -4.08 4.10
C SER A 69 14.55 -5.42 3.76
N PHE A 70 13.25 -5.52 3.99
CA PHE A 70 12.56 -6.78 3.74
C PHE A 70 11.14 -6.52 3.26
N GLU A 71 10.53 -7.60 2.75
CA GLU A 71 9.18 -7.56 2.21
C GLU A 71 8.59 -8.96 2.34
N THR A 72 7.34 -9.04 2.77
CA THR A 72 6.65 -10.31 2.83
C THR A 72 5.26 -10.17 2.22
N ARG A 73 4.77 -11.28 1.66
CA ARG A 73 3.48 -11.33 0.99
C ARG A 73 2.81 -12.65 1.33
N PHE A 74 1.50 -12.61 1.57
CA PHE A 74 0.75 -13.84 1.75
C PHE A 74 -0.71 -13.60 1.42
N SER A 75 -1.40 -14.69 1.10
CA SER A 75 -2.83 -14.68 0.88
C SER A 75 -3.52 -15.49 1.97
N PHE A 76 -4.55 -14.90 2.57
CA PHE A 76 -5.27 -15.58 3.64
C PHE A 76 -6.77 -15.36 3.46
N SER A 77 -7.54 -16.19 4.17
CA SER A 77 -8.97 -16.01 4.27
C SER A 77 -9.42 -16.23 5.70
N ILE A 78 -10.33 -15.38 6.16
CA ILE A 78 -11.00 -15.55 7.45
C ILE A 78 -12.49 -15.67 7.18
N GLU A 79 -13.08 -16.78 7.59
CA GLU A 79 -14.52 -16.99 7.49
C GLU A 79 -15.10 -17.00 8.89
N GLN A 80 -16.00 -16.06 9.17
CA GLN A 80 -16.68 -15.95 10.45
C GLN A 80 -18.10 -16.48 10.29
N PRO A 81 -18.37 -17.74 10.62
CA PRO A 81 -19.68 -18.33 10.30
C PRO A 81 -20.79 -18.00 11.28
N TYR A 82 -20.50 -17.41 12.43
CA TYR A 82 -21.51 -17.20 13.46
C TYR A 82 -21.78 -15.72 13.67
N THR A 83 -23.03 -15.41 13.98
CA THR A 83 -23.47 -14.06 14.34
C THR A 83 -23.31 -13.79 15.83
N ARG A 84 -23.51 -14.82 16.66
CA ARG A 84 -23.34 -14.70 18.10
C ARG A 84 -22.69 -15.99 18.58
N PRO A 85 -21.63 -15.90 19.39
CA PRO A 85 -21.02 -14.66 19.87
C PRO A 85 -20.14 -13.99 18.82
N LEU A 86 -19.50 -12.89 19.18
CA LEU A 86 -18.62 -12.21 18.26
C LEU A 86 -17.45 -13.12 17.86
N PRO A 87 -16.97 -13.01 16.62
CA PRO A 87 -15.81 -13.81 16.21
C PRO A 87 -14.53 -13.31 16.86
N ALA A 88 -13.50 -14.16 16.80
CA ALA A 88 -12.22 -13.95 17.47
C ALA A 88 -11.25 -15.01 17.00
N ASP A 89 -9.94 -14.72 17.04
CA ASP A 89 -9.37 -13.45 17.49
C ASP A 89 -8.55 -12.77 16.38
N GLY A 90 -8.05 -13.55 15.43
CA GLY A 90 -7.38 -13.00 14.26
C GLY A 90 -6.14 -13.79 13.90
N LEU A 91 -5.36 -13.23 12.97
CA LEU A 91 -4.08 -13.80 12.57
C LEU A 91 -3.07 -12.67 12.44
N VAL A 92 -1.78 -13.04 12.34
CA VAL A 92 -0.72 -12.06 12.44
C VAL A 92 0.55 -12.61 11.80
N PHE A 93 1.28 -11.74 11.11
CA PHE A 93 2.65 -12.00 10.68
C PHE A 93 3.59 -11.35 11.69
N PHE A 94 4.52 -12.13 12.23
CA PHE A 94 5.38 -11.62 13.28
C PHE A 94 6.83 -11.99 13.03
N MET A 95 7.74 -11.09 13.41
CA MET A 95 9.17 -11.31 13.39
C MET A 95 9.72 -11.07 14.79
N GLY A 96 10.56 -11.98 15.26
CA GLY A 96 11.13 -11.84 16.59
C GLY A 96 12.23 -12.85 16.87
N PRO A 97 12.54 -13.05 18.15
CA PRO A 97 13.64 -13.94 18.51
C PRO A 97 13.44 -15.33 17.95
N THR A 98 14.55 -15.96 17.58
CA THR A 98 14.49 -17.32 17.03
C THR A 98 14.16 -18.31 18.15
N LYS A 99 13.81 -19.53 17.74
CA LYS A 99 13.52 -20.63 18.65
C LYS A 99 12.32 -20.32 19.55
N SER A 100 11.40 -19.47 19.10
CA SER A 100 10.26 -19.12 19.92
C SER A 100 9.17 -20.18 19.83
N LYS A 101 8.39 -20.28 20.90
CA LYS A 101 7.25 -21.17 20.99
C LYS A 101 5.96 -20.36 21.06
N PRO A 102 4.81 -20.97 20.82
CA PRO A 102 3.54 -20.22 20.91
C PRO A 102 3.37 -19.59 22.29
N ALA A 103 3.02 -18.30 22.29
CA ALA A 103 2.77 -17.58 23.52
C ALA A 103 1.31 -17.77 23.93
N GLN A 104 0.68 -16.71 24.45
CA GLN A 104 -0.72 -16.80 24.84
C GLN A 104 -1.63 -16.68 23.62
N GLY A 105 -2.75 -17.38 23.65
CA GLY A 105 -3.75 -17.32 22.60
C GLY A 105 -4.69 -16.15 22.76
N TYR A 106 -5.91 -16.34 22.24
CA TYR A 106 -6.99 -15.34 22.28
C TYR A 106 -6.45 -14.04 21.67
N GLY A 107 -6.73 -12.87 22.28
CA GLY A 107 -6.33 -11.61 21.70
C GLY A 107 -4.85 -11.35 21.69
N TYR A 108 -4.05 -12.22 22.30
CA TYR A 108 -2.61 -12.14 22.17
C TYR A 108 -2.09 -12.88 20.94
N LEU A 109 -2.99 -13.52 20.19
CA LEU A 109 -2.74 -14.01 18.84
C LEU A 109 -1.60 -15.02 18.78
N GLY A 110 -1.20 -15.58 19.92
CA GLY A 110 -0.12 -16.55 19.95
C GLY A 110 1.26 -15.96 19.95
N VAL A 111 1.40 -14.64 20.08
CA VAL A 111 2.69 -13.98 19.91
C VAL A 111 3.13 -13.33 21.21
N PHE A 112 2.19 -12.80 21.98
CA PHE A 112 2.48 -12.08 23.22
C PHE A 112 1.91 -12.83 24.41
N ASN A 113 2.38 -12.44 25.60
CA ASN A 113 1.94 -13.07 26.85
C ASN A 113 0.95 -12.23 27.64
N ASN A 114 0.93 -10.92 27.41
CA ASN A 114 -0.08 -10.03 27.98
C ASN A 114 -0.08 -8.77 27.11
N SER A 115 -0.77 -7.73 27.58
CA SER A 115 -0.93 -6.51 26.82
C SER A 115 0.17 -5.49 27.10
N LYS A 116 1.18 -5.84 27.87
CA LYS A 116 2.19 -4.88 28.29
C LYS A 116 3.09 -4.47 27.12
N GLN A 117 3.40 -3.18 27.07
CA GLN A 117 4.46 -2.66 26.20
C GLN A 117 5.81 -2.98 26.84
N ASP A 118 6.52 -3.96 26.27
CA ASP A 118 7.75 -4.46 26.88
C ASP A 118 8.78 -4.72 25.80
N ASN A 119 9.93 -4.06 25.90
CA ASN A 119 11.00 -4.22 24.90
C ASN A 119 11.60 -5.62 24.91
N SER A 120 11.44 -6.37 26.00
CA SER A 120 11.99 -7.71 26.05
C SER A 120 11.30 -8.68 25.09
N TYR A 121 10.16 -8.30 24.53
CA TYR A 121 9.53 -9.13 23.50
C TYR A 121 10.42 -9.24 22.28
N GLN A 122 11.03 -8.13 21.86
CA GLN A 122 11.85 -8.06 20.65
C GLN A 122 11.07 -8.58 19.44
N THR A 123 9.80 -8.18 19.34
CA THR A 123 8.89 -8.70 18.34
C THR A 123 8.25 -7.56 17.56
N LEU A 124 8.33 -7.66 16.23
CA LEU A 124 7.59 -6.79 15.32
C LEU A 124 6.54 -7.63 14.62
N ALA A 125 5.32 -7.08 14.51
CA ALA A 125 4.22 -7.86 13.95
C ALA A 125 3.25 -6.94 13.22
N VAL A 126 2.62 -7.49 12.20
CA VAL A 126 1.53 -6.84 11.49
C VAL A 126 0.30 -7.74 11.67
N GLU A 127 -0.68 -7.25 12.41
CA GLU A 127 -1.80 -8.07 12.82
C GLU A 127 -3.03 -7.77 11.99
N PHE A 128 -3.89 -8.79 11.86
CA PHE A 128 -5.19 -8.67 11.23
C PHE A 128 -6.19 -9.17 12.27
N ASP A 129 -6.71 -8.22 13.04
CA ASP A 129 -7.33 -8.46 14.34
C ASP A 129 -8.85 -8.39 14.18
N THR A 130 -9.54 -9.45 14.62
CA THR A 130 -10.98 -9.57 14.40
C THR A 130 -11.82 -9.37 15.65
N PHE A 131 -11.21 -9.23 16.83
CA PHE A 131 -11.95 -9.04 18.06
C PHE A 131 -11.41 -7.84 18.82
N SER A 132 -12.30 -6.97 19.28
CA SER A 132 -11.89 -5.73 19.97
C SER A 132 -11.68 -6.03 21.45
N ASN A 133 -10.43 -6.25 21.83
CA ASN A 133 -10.04 -6.42 23.22
C ASN A 133 -9.96 -5.05 23.89
N PRO A 134 -9.85 -5.01 25.23
CA PRO A 134 -9.80 -3.70 25.91
C PRO A 134 -8.64 -2.81 25.46
N TRP A 135 -7.57 -3.38 24.93
CA TRP A 135 -6.43 -2.61 24.44
C TRP A 135 -6.55 -2.24 22.96
N ASP A 136 -7.67 -2.58 22.30
CA ASP A 136 -7.88 -2.40 20.87
C ASP A 136 -8.68 -1.15 20.59
N PRO A 137 -8.62 -0.63 19.37
CA PRO A 137 -9.64 0.32 18.91
C PRO A 137 -10.99 -0.36 18.85
N PRO A 138 -12.08 0.40 18.79
CA PRO A 138 -13.41 -0.24 18.81
C PRO A 138 -13.75 -0.99 17.53
N GLN A 139 -13.19 -0.62 16.38
CA GLN A 139 -13.57 -1.22 15.10
C GLN A 139 -12.78 -2.49 14.84
N VAL A 140 -13.50 -3.55 14.46
CA VAL A 140 -12.89 -4.79 13.99
C VAL A 140 -13.58 -5.19 12.69
N PRO A 141 -12.87 -5.82 11.74
CA PRO A 141 -11.43 -6.10 11.85
C PRO A 141 -10.57 -4.86 11.65
N HIS A 142 -9.30 -4.94 12.05
CA HIS A 142 -8.38 -3.85 11.78
C HIS A 142 -7.00 -4.42 11.55
N ILE A 143 -6.25 -3.75 10.69
CA ILE A 143 -4.81 -3.99 10.57
C ILE A 143 -4.11 -3.25 11.69
N GLY A 144 -3.06 -3.84 12.23
CA GLY A 144 -2.30 -3.16 13.25
C GLY A 144 -0.82 -3.40 13.12
N ILE A 145 -0.03 -2.37 13.37
CA ILE A 145 1.42 -2.48 13.43
C ILE A 145 1.78 -2.62 14.91
N ASP A 146 2.31 -3.78 15.28
CA ASP A 146 2.61 -4.12 16.66
C ASP A 146 4.13 -4.08 16.87
N VAL A 147 4.58 -3.20 17.76
CA VAL A 147 6.00 -3.06 18.08
C VAL A 147 6.15 -3.37 19.57
N ASN A 148 6.58 -4.59 19.87
CA ASN A 148 6.83 -5.07 21.23
C ASN A 148 5.58 -5.06 22.11
N SER A 149 4.39 -5.07 21.50
CA SER A 149 3.16 -5.05 22.28
C SER A 149 2.00 -5.45 21.39
N ILE A 150 1.01 -6.13 21.99
CA ILE A 150 -0.23 -6.39 21.28
C ILE A 150 -1.02 -5.11 21.08
N ARG A 151 -0.74 -4.08 21.88
CA ARG A 151 -1.36 -2.76 21.74
C ARG A 151 -0.65 -2.03 20.61
N SER A 152 -1.29 -1.97 19.44
CA SER A 152 -0.64 -1.49 18.23
C SER A 152 -0.27 -0.02 18.36
N ILE A 153 0.86 0.35 17.76
CA ILE A 153 1.21 1.77 17.65
C ILE A 153 0.37 2.44 16.58
N LYS A 154 -0.24 1.66 15.68
CA LYS A 154 -1.05 2.21 14.61
C LYS A 154 -2.03 1.14 14.16
N THR A 155 -3.29 1.53 13.98
CA THR A 155 -4.32 0.61 13.50
C THR A 155 -5.06 1.22 12.34
N GLN A 156 -5.59 0.36 11.48
CA GLN A 156 -6.41 0.76 10.35
C GLN A 156 -7.61 -0.17 10.23
N PRO A 157 -8.83 0.32 10.46
CA PRO A 157 -10.00 -0.53 10.27
C PRO A 157 -10.15 -0.94 8.81
N PHE A 158 -10.63 -2.15 8.60
CA PHE A 158 -11.01 -2.60 7.28
C PHE A 158 -12.23 -3.49 7.39
N GLN A 159 -13.00 -3.54 6.30
CA GLN A 159 -14.20 -4.36 6.28
C GLN A 159 -13.84 -5.77 5.80
N LEU A 160 -14.21 -6.77 6.59
CA LEU A 160 -13.98 -8.14 6.20
C LEU A 160 -14.84 -8.50 4.99
N ASP A 161 -14.25 -9.23 4.05
CA ASP A 161 -15.01 -9.90 3.00
C ASP A 161 -15.09 -11.35 3.46
N ASN A 162 -16.17 -11.67 4.17
CA ASN A 162 -16.27 -12.90 4.92
C ASN A 162 -16.06 -14.12 4.02
N GLY A 163 -15.06 -14.93 4.35
CA GLY A 163 -14.78 -16.15 3.62
C GLY A 163 -14.00 -15.98 2.34
N GLN A 164 -13.64 -14.76 1.96
CA GLN A 164 -12.94 -14.52 0.71
C GLN A 164 -11.45 -14.30 0.96
N VAL A 165 -10.68 -14.35 -0.14
CA VAL A 165 -9.22 -14.33 -0.08
C VAL A 165 -8.74 -12.89 -0.05
N ALA A 166 -7.85 -12.58 0.88
CA ALA A 166 -7.17 -11.30 0.93
C ALA A 166 -5.71 -11.50 0.52
N ASN A 167 -5.16 -10.49 -0.14
CA ASN A 167 -3.75 -10.44 -0.49
C ASN A 167 -3.07 -9.39 0.38
N VAL A 168 -1.99 -9.77 1.05
CA VAL A 168 -1.27 -8.88 1.95
C VAL A 168 0.12 -8.60 1.37
N VAL A 169 0.52 -7.33 1.42
CA VAL A 169 1.88 -6.93 1.10
C VAL A 169 2.41 -6.12 2.27
N ILE A 170 3.54 -6.55 2.83
CA ILE A 170 4.21 -5.86 3.93
C ILE A 170 5.64 -5.59 3.51
N LYS A 171 6.08 -4.34 3.67
CA LYS A 171 7.41 -3.93 3.22
C LYS A 171 8.04 -2.97 4.23
N TYR A 172 9.33 -3.15 4.49
CA TYR A 172 10.09 -2.27 5.37
C TYR A 172 11.30 -1.76 4.61
N ASP A 173 11.44 -0.43 4.54
CA ASP A 173 12.60 0.22 3.94
C ASP A 173 13.50 0.71 5.06
N ALA A 174 14.71 0.14 5.14
CA ALA A 174 15.63 0.51 6.21
C ALA A 174 16.05 1.97 6.14
N SER A 175 16.17 2.52 4.92
CA SER A 175 16.66 3.88 4.79
C SER A 175 15.65 4.90 5.33
N SER A 176 14.36 4.66 5.10
CA SER A 176 13.33 5.56 5.61
C SER A 176 12.77 5.11 6.96
N LYS A 177 13.03 3.86 7.36
CA LYS A 177 12.45 3.25 8.56
C LYS A 177 10.93 3.18 8.47
N ILE A 178 10.40 3.10 7.25
CA ILE A 178 8.96 3.03 7.03
C ILE A 178 8.55 1.56 6.93
N LEU A 179 7.68 1.14 7.85
CA LEU A 179 7.02 -0.15 7.73
C LEU A 179 5.65 0.08 7.10
N LEU A 180 5.31 -0.76 6.14
CA LEU A 180 4.17 -0.55 5.28
C LEU A 180 3.41 -1.87 5.13
N ALA A 181 2.09 -1.80 5.20
CA ALA A 181 1.26 -2.97 4.99
C ALA A 181 0.05 -2.59 4.14
N VAL A 182 -0.29 -3.46 3.20
CA VAL A 182 -1.41 -3.25 2.28
C VAL A 182 -2.24 -4.53 2.25
N LEU A 183 -3.56 -4.37 2.33
CA LEU A 183 -4.49 -5.49 2.16
C LEU A 183 -5.38 -5.21 0.95
N VAL A 184 -5.50 -6.21 0.07
CA VAL A 184 -6.33 -6.12 -1.12
C VAL A 184 -7.28 -7.32 -1.14
N TYR A 185 -8.56 -7.06 -1.38
CA TYR A 185 -9.53 -8.12 -1.63
C TYR A 185 -9.82 -8.19 -3.12
N PRO A 186 -9.27 -9.17 -3.85
CA PRO A 186 -9.61 -9.28 -5.28
C PRO A 186 -11.11 -9.44 -5.53
N SER A 187 -11.83 -10.07 -4.61
CA SER A 187 -13.27 -10.29 -4.79
C SER A 187 -14.03 -8.98 -4.91
N SER A 188 -13.65 -7.97 -4.13
CA SER A 188 -14.34 -6.69 -4.15
C SER A 188 -13.48 -5.55 -4.65
N GLY A 189 -12.18 -5.74 -4.80
CA GLY A 189 -11.30 -4.66 -5.18
C GLY A 189 -10.99 -3.66 -4.09
N ALA A 190 -11.40 -3.93 -2.85
CA ALA A 190 -11.10 -3.02 -1.76
C ALA A 190 -9.61 -3.04 -1.44
N ILE A 191 -9.06 -1.87 -1.10
CA ILE A 191 -7.65 -1.71 -0.79
C ILE A 191 -7.53 -0.95 0.52
N TYR A 192 -6.72 -1.47 1.44
CA TYR A 192 -6.46 -0.81 2.70
C TYR A 192 -4.95 -0.72 2.91
N THR A 193 -4.50 0.41 3.47
CA THR A 193 -3.08 0.65 3.69
C THR A 193 -2.85 1.14 5.11
N ILE A 194 -1.64 0.88 5.61
CA ILE A 194 -1.20 1.36 6.91
C ILE A 194 0.32 1.43 6.90
N ALA A 195 0.87 2.46 7.54
CA ALA A 195 2.31 2.64 7.58
C ALA A 195 2.69 3.40 8.84
N GLU A 196 3.91 3.14 9.31
CA GLU A 196 4.41 3.79 10.52
C GLU A 196 5.93 3.64 10.55
N ILE A 197 6.57 4.52 11.31
CA ILE A 197 8.04 4.50 11.46
C ILE A 197 8.41 3.44 12.49
N VAL A 198 9.24 2.49 12.08
CA VAL A 198 9.73 1.43 12.95
C VAL A 198 11.25 1.38 12.84
N ASP A 199 11.95 1.57 13.95
CA ASP A 199 13.41 1.46 13.99
C ASP A 199 13.75 0.04 14.40
N VAL A 200 14.16 -0.77 13.43
CA VAL A 200 14.24 -2.21 13.63
C VAL A 200 15.37 -2.57 14.59
N LYS A 201 16.52 -1.87 14.49
CA LYS A 201 17.63 -2.20 15.37
C LYS A 201 17.27 -2.00 16.84
N GLN A 202 16.39 -1.04 17.14
CA GLN A 202 15.92 -0.87 18.50
C GLN A 202 14.90 -1.92 18.91
N VAL A 203 14.27 -2.61 17.95
CA VAL A 203 13.15 -3.51 18.22
C VAL A 203 13.57 -4.97 18.13
N LEU A 204 14.16 -5.38 17.02
CA LEU A 204 14.40 -6.78 16.77
C LEU A 204 15.80 -7.19 17.18
N PRO A 205 16.01 -8.48 17.45
CA PRO A 205 17.38 -9.00 17.56
C PRO A 205 18.05 -8.97 16.19
N GLU A 206 19.36 -9.22 16.20
CA GLU A 206 20.12 -9.20 14.95
C GLU A 206 19.64 -10.31 14.01
N TRP A 207 19.41 -11.51 14.53
CA TRP A 207 18.82 -12.59 13.78
C TRP A 207 17.41 -12.87 14.31
N VAL A 208 16.47 -13.09 13.39
CA VAL A 208 15.07 -13.27 13.75
C VAL A 208 14.51 -14.50 13.04
N ASP A 209 13.39 -14.98 13.55
CA ASP A 209 12.51 -15.88 12.83
C ASP A 209 11.32 -15.09 12.29
N VAL A 210 10.84 -15.47 11.12
CA VAL A 210 9.60 -14.93 10.58
C VAL A 210 8.54 -16.03 10.65
N GLY A 211 7.30 -15.60 10.90
CA GLY A 211 6.25 -16.59 11.06
C GLY A 211 4.87 -15.97 10.96
N LEU A 212 3.88 -16.86 10.92
CA LEU A 212 2.48 -16.50 10.89
C LEU A 212 1.78 -17.22 12.04
N SER A 213 0.78 -16.55 12.62
CA SER A 213 0.08 -17.10 13.78
C SER A 213 -1.38 -16.69 13.73
N GLY A 214 -2.24 -17.56 14.28
CA GLY A 214 -3.66 -17.27 14.38
C GLY A 214 -4.25 -17.88 15.65
N ALA A 215 -5.37 -17.31 16.08
CA ALA A 215 -6.01 -17.75 17.31
C ALA A 215 -7.52 -17.54 17.24
N THR A 216 -8.27 -18.49 17.79
CA THR A 216 -9.70 -18.32 18.02
C THR A 216 -9.97 -18.07 19.50
N GLY A 217 -11.22 -17.72 19.80
CA GLY A 217 -11.56 -17.10 21.06
C GLY A 217 -11.69 -18.05 22.24
N ALA A 218 -12.11 -17.47 23.37
CA ALA A 218 -12.07 -18.12 24.68
C ALA A 218 -13.44 -18.58 25.16
N GLN A 219 -14.47 -18.53 24.32
CA GLN A 219 -15.76 -19.13 24.64
C GLN A 219 -16.31 -19.78 23.39
N ARG A 220 -17.29 -20.66 23.59
CA ARG A 220 -17.77 -21.51 22.51
C ARG A 220 -18.27 -20.68 21.34
N ASP A 221 -17.84 -21.05 20.14
CA ASP A 221 -18.21 -20.44 18.87
C ASP A 221 -17.72 -19.01 18.70
N ALA A 222 -16.84 -18.53 19.58
CA ALA A 222 -16.10 -17.30 19.33
C ALA A 222 -14.89 -17.66 18.46
N ALA A 223 -15.18 -17.95 17.20
CA ALA A 223 -14.21 -18.61 16.34
C ALA A 223 -14.43 -18.19 14.89
N GLU A 224 -13.43 -18.50 14.07
CA GLU A 224 -13.35 -18.13 12.66
C GLU A 224 -12.17 -18.89 12.08
N THR A 225 -12.19 -19.08 10.76
CA THR A 225 -11.04 -19.71 10.13
C THR A 225 -9.89 -18.72 10.03
N HIS A 226 -8.66 -19.27 9.93
CA HIS A 226 -7.47 -18.49 9.66
C HIS A 226 -6.61 -19.31 8.69
N ASP A 227 -7.06 -19.36 7.43
CA ASP A 227 -6.40 -20.14 6.40
C ASP A 227 -5.44 -19.26 5.61
N VAL A 228 -4.27 -19.80 5.27
CA VAL A 228 -3.26 -19.12 4.48
C VAL A 228 -2.96 -20.00 3.26
N TYR A 229 -2.97 -19.39 2.07
CA TYR A 229 -2.83 -20.15 0.83
C TYR A 229 -1.45 -20.03 0.21
N SER A 230 -0.69 -18.99 0.53
CA SER A 230 0.63 -18.78 -0.04
C SER A 230 1.37 -17.80 0.85
N TRP A 231 2.70 -17.83 0.76
CA TRP A 231 3.52 -16.98 1.62
C TRP A 231 4.91 -16.85 1.01
N SER A 232 5.38 -15.62 0.87
CA SER A 232 6.72 -15.36 0.36
C SER A 232 7.37 -14.27 1.20
N PHE A 233 8.70 -14.30 1.25
CA PHE A 233 9.46 -13.35 2.03
C PHE A 233 10.81 -13.13 1.37
N HIS A 234 11.36 -11.93 1.57
CA HIS A 234 12.66 -11.57 1.02
C HIS A 234 13.28 -10.49 1.91
N ALA A 235 14.56 -10.65 2.23
CA ALA A 235 15.30 -9.64 2.95
C ALA A 235 16.70 -9.53 2.37
N SER A 236 17.25 -8.32 2.41
CA SER A 236 18.58 -8.06 1.87
C SER A 236 19.35 -7.19 2.85
N LEU A 237 20.42 -7.74 3.42
CA LEU A 237 21.23 -7.03 4.40
C LEU A 237 22.45 -6.44 3.72
N PRO A 238 22.62 -5.12 3.69
CA PRO A 238 23.80 -4.53 3.05
C PRO A 238 25.08 -4.90 3.78
N GLU A 239 26.14 -5.14 3.01
CA GLU A 239 27.43 -5.47 3.58
C GLU A 239 28.49 -4.44 3.18
N VAL B 1 -12.07 20.37 13.11
CA VAL B 1 -11.47 19.71 11.96
C VAL B 1 -12.05 20.25 10.66
N GLU B 2 -11.17 20.78 9.81
CA GLU B 2 -11.56 21.28 8.50
C GLU B 2 -11.38 20.18 7.47
N THR B 3 -12.47 19.75 6.85
CA THR B 3 -12.48 18.57 5.98
C THR B 3 -13.06 18.93 4.62
N ILE B 4 -12.42 18.41 3.57
CA ILE B 4 -12.96 18.48 2.22
C ILE B 4 -12.82 17.09 1.60
N SER B 5 -13.74 16.78 0.69
CA SER B 5 -13.74 15.47 0.06
C SER B 5 -14.60 15.53 -1.20
N PHE B 6 -14.21 14.73 -2.20
CA PHE B 6 -15.04 14.51 -3.37
C PHE B 6 -14.87 13.06 -3.82
N SER B 7 -15.72 12.65 -4.75
CA SER B 7 -15.68 11.28 -5.26
C SER B 7 -16.42 11.23 -6.57
N PHE B 8 -15.76 10.73 -7.61
CA PHE B 8 -16.35 10.53 -8.93
C PHE B 8 -16.23 9.04 -9.26
N SER B 9 -17.34 8.31 -9.16
CA SER B 9 -17.34 6.94 -9.66
C SER B 9 -17.24 6.92 -11.18
N GLU B 10 -17.55 8.04 -11.82
CA GLU B 10 -17.28 8.25 -13.24
C GLU B 10 -17.32 9.76 -13.45
N PHE B 11 -17.04 10.19 -14.68
CA PHE B 11 -17.02 11.59 -15.02
C PHE B 11 -18.13 11.89 -16.01
N GLU B 12 -18.74 13.08 -15.89
CA GLU B 12 -19.75 13.46 -16.85
C GLU B 12 -19.42 14.82 -17.44
N PRO B 13 -19.59 14.98 -18.74
CA PRO B 13 -19.31 16.28 -19.37
C PRO B 13 -20.16 17.38 -18.73
N GLY B 14 -19.54 18.54 -18.54
CA GLY B 14 -20.23 19.70 -18.02
C GLY B 14 -20.16 19.90 -16.53
N ASN B 15 -19.83 18.85 -15.77
CA ASN B 15 -19.77 18.97 -14.31
C ASN B 15 -18.76 20.01 -13.88
N ASN B 16 -19.23 21.13 -13.32
CA ASN B 16 -18.39 22.28 -13.02
C ASN B 16 -17.46 22.06 -11.83
N ASP B 17 -17.47 20.89 -11.18
CA ASP B 17 -16.52 20.64 -10.11
C ASP B 17 -15.14 20.26 -10.60
N LEU B 18 -14.99 19.96 -11.89
CA LEU B 18 -13.70 19.64 -12.48
C LEU B 18 -13.38 20.65 -13.58
N THR B 19 -12.20 21.24 -13.51
CA THR B 19 -11.69 22.11 -14.57
C THR B 19 -10.82 21.29 -15.50
N LEU B 20 -11.12 21.33 -16.79
CA LEU B 20 -10.34 20.61 -17.80
C LEU B 20 -9.34 21.57 -18.43
N GLN B 21 -8.09 21.11 -18.57
CA GLN B 21 -7.01 21.93 -19.10
C GLN B 21 -6.28 21.18 -20.21
N GLY B 22 -5.81 21.94 -21.19
CA GLY B 22 -5.06 21.34 -22.29
C GLY B 22 -5.95 20.43 -23.12
N ALA B 23 -5.51 19.20 -23.32
CA ALA B 23 -6.18 18.25 -24.19
C ALA B 23 -7.24 17.42 -23.48
N ALA B 24 -7.41 17.58 -22.16
CA ALA B 24 -8.29 16.71 -21.40
C ALA B 24 -9.74 16.89 -21.83
N ILE B 25 -10.40 15.78 -22.15
CA ILE B 25 -11.83 15.76 -22.43
C ILE B 25 -12.47 14.64 -21.61
N ILE B 26 -13.78 14.77 -21.42
CA ILE B 26 -14.60 13.74 -20.79
C ILE B 26 -15.50 13.18 -21.87
N THR B 27 -15.31 11.90 -22.21
CA THR B 27 -16.13 11.28 -23.25
C THR B 27 -17.57 11.10 -22.75
N GLN B 28 -18.44 10.69 -23.68
CA GLN B 28 -19.82 10.42 -23.30
C GLN B 28 -19.92 9.17 -22.45
N SER B 29 -19.02 8.21 -22.63
CA SER B 29 -19.00 7.00 -21.80
C SER B 29 -18.51 7.26 -20.38
N GLY B 30 -18.12 8.49 -20.04
CA GLY B 30 -17.71 8.83 -18.70
C GLY B 30 -16.23 8.73 -18.41
N VAL B 31 -15.39 8.60 -19.43
CA VAL B 31 -13.95 8.41 -19.25
C VAL B 31 -13.25 9.75 -19.42
N LEU B 32 -12.32 10.05 -18.52
CA LEU B 32 -11.47 11.23 -18.64
C LEU B 32 -10.22 10.86 -19.44
N GLN B 33 -10.14 11.33 -20.68
CA GLN B 33 -8.96 11.14 -21.51
C GLN B 33 -8.03 12.33 -21.28
N LEU B 34 -6.97 12.10 -20.50
CA LEU B 34 -6.03 13.18 -20.20
C LEU B 34 -5.32 13.66 -21.47
N THR B 35 -5.00 12.75 -22.37
CA THR B 35 -4.28 13.10 -23.60
C THR B 35 -5.09 12.68 -24.81
N LYS B 36 -4.80 13.34 -25.93
CA LYS B 36 -5.68 13.30 -27.10
C LYS B 36 -5.73 11.92 -27.72
N ILE B 37 -6.95 11.42 -27.96
CA ILE B 37 -7.18 10.24 -28.76
C ILE B 37 -7.59 10.70 -30.16
N ASN B 38 -6.88 10.22 -31.18
CA ASN B 38 -7.22 10.57 -32.54
C ASN B 38 -8.53 9.90 -32.97
N GLN B 39 -9.02 10.29 -34.14
CA GLN B 39 -10.33 9.81 -34.58
C GLN B 39 -10.30 8.32 -34.91
N ASN B 40 -9.15 7.78 -35.28
CA ASN B 40 -9.01 6.34 -35.49
C ASN B 40 -8.81 5.58 -34.19
N GLY B 41 -9.01 6.22 -33.04
CA GLY B 41 -8.84 5.59 -31.74
C GLY B 41 -7.42 5.53 -31.22
N MET B 42 -6.43 5.94 -32.01
CA MET B 42 -5.03 5.86 -31.60
C MET B 42 -4.63 7.10 -30.82
N PRO B 43 -3.80 6.94 -29.79
CA PRO B 43 -3.37 8.10 -28.99
C PRO B 43 -2.44 8.99 -29.79
N ALA B 44 -2.61 10.29 -29.63
CA ALA B 44 -1.82 11.29 -30.35
C ALA B 44 -0.56 11.63 -29.57
N TRP B 45 0.54 11.84 -30.30
CA TRP B 45 1.73 12.36 -29.65
C TRP B 45 1.61 13.86 -29.50
N ASP B 46 2.59 14.45 -28.79
CA ASP B 46 2.66 15.90 -28.61
C ASP B 46 1.38 16.42 -27.97
N SER B 47 0.92 15.72 -26.93
CA SER B 47 -0.34 16.04 -26.27
C SER B 47 -0.10 16.14 -24.77
N THR B 48 -0.71 17.16 -24.16
CA THR B 48 -0.68 17.38 -22.72
C THR B 48 -2.08 17.78 -22.26
N GLY B 49 -2.52 17.17 -21.16
CA GLY B 49 -3.83 17.50 -20.63
C GLY B 49 -3.93 17.25 -19.14
N ARG B 50 -4.69 18.08 -18.44
CA ARG B 50 -4.82 17.97 -16.99
C ARG B 50 -6.27 18.20 -16.60
N THR B 51 -6.58 17.89 -15.34
CA THR B 51 -7.84 18.28 -14.74
C THR B 51 -7.58 18.72 -13.31
N LEU B 52 -8.33 19.71 -12.86
CA LEU B 52 -8.20 20.27 -11.52
C LEU B 52 -9.55 20.24 -10.82
N TYR B 53 -9.56 19.86 -9.56
CA TYR B 53 -10.73 20.08 -8.75
C TYR B 53 -10.87 21.57 -8.49
N THR B 54 -12.08 22.10 -8.67
CA THR B 54 -12.29 23.54 -8.65
C THR B 54 -12.14 24.15 -7.26
N LYS B 55 -12.22 23.34 -6.20
CA LYS B 55 -12.08 24.00 -4.91
C LYS B 55 -10.69 23.76 -4.32
N PRO B 56 -10.10 24.76 -3.67
CA PRO B 56 -8.81 24.56 -3.03
C PRO B 56 -8.94 23.73 -1.76
N VAL B 57 -7.81 23.16 -1.35
CA VAL B 57 -7.73 22.26 -0.20
C VAL B 57 -6.78 22.86 0.82
N HIS B 58 -7.23 22.97 2.07
CA HIS B 58 -6.42 23.53 3.14
C HIS B 58 -5.53 22.44 3.69
N ILE B 59 -4.27 22.45 3.30
CA ILE B 59 -3.34 21.38 3.68
C ILE B 59 -2.66 21.66 5.03
N TRP B 60 -2.36 22.91 5.33
CA TRP B 60 -1.84 23.26 6.64
C TRP B 60 -2.15 24.73 6.92
N ASP B 61 -1.96 25.12 8.18
CA ASP B 61 -2.24 26.48 8.63
C ASP B 61 -1.00 27.04 9.31
N MET B 62 -0.59 28.24 8.88
CA MET B 62 0.67 28.81 9.38
C MET B 62 0.57 29.22 10.85
N THR B 63 -0.59 29.76 11.26
CA THR B 63 -0.69 30.31 12.61
C THR B 63 -0.77 29.22 13.67
N THR B 64 -1.33 28.07 13.34
CA THR B 64 -1.54 27.00 14.33
C THR B 64 -0.52 25.88 14.23
N GLY B 65 0.16 25.73 13.10
CA GLY B 65 1.12 24.66 12.92
C GLY B 65 0.54 23.31 12.57
N THR B 66 -0.79 23.18 12.51
CA THR B 66 -1.41 21.92 12.19
C THR B 66 -1.27 21.60 10.71
N VAL B 67 -1.14 20.31 10.41
CA VAL B 67 -0.98 19.81 9.05
C VAL B 67 -2.06 18.76 8.78
N ALA B 68 -2.66 18.83 7.61
CA ALA B 68 -3.75 17.92 7.26
C ALA B 68 -3.21 16.59 6.76
N SER B 69 -3.96 15.53 7.06
CA SER B 69 -3.79 14.23 6.42
C SER B 69 -4.76 14.15 5.26
N PHE B 70 -4.36 13.42 4.21
CA PHE B 70 -5.20 13.33 3.03
C PHE B 70 -5.00 11.98 2.36
N GLU B 71 -5.91 11.66 1.46
CA GLU B 71 -5.90 10.40 0.71
C GLU B 71 -6.59 10.65 -0.62
N THR B 72 -6.03 10.07 -1.69
CA THR B 72 -6.64 10.12 -3.00
C THR B 72 -6.66 8.73 -3.61
N ARG B 73 -7.66 8.47 -4.43
CA ARG B 73 -7.82 7.19 -5.10
C ARG B 73 -8.30 7.45 -6.51
N PHE B 74 -7.74 6.72 -7.47
CA PHE B 74 -8.23 6.83 -8.84
C PHE B 74 -7.86 5.56 -9.58
N SER B 75 -8.60 5.32 -10.66
CA SER B 75 -8.37 4.20 -11.56
C SER B 75 -7.99 4.73 -12.92
N PHE B 76 -6.96 4.13 -13.53
CA PHE B 76 -6.50 4.59 -14.83
C PHE B 76 -6.14 3.39 -15.68
N SER B 77 -6.11 3.61 -16.99
CA SER B 77 -5.54 2.65 -17.92
C SER B 77 -4.56 3.38 -18.82
N ILE B 78 -3.47 2.72 -19.15
CA ILE B 78 -2.51 3.19 -20.14
C ILE B 78 -2.33 2.07 -21.15
N GLU B 79 -2.64 2.36 -22.41
CA GLU B 79 -2.42 1.43 -23.50
C GLU B 79 -1.32 1.98 -24.38
N GLN B 80 -0.32 1.14 -24.66
CA GLN B 80 0.81 1.51 -25.50
C GLN B 80 0.70 0.73 -26.81
N PRO B 81 0.01 1.26 -27.82
CA PRO B 81 -0.34 0.46 -28.99
C PRO B 81 0.70 0.44 -30.11
N TYR B 82 1.75 1.25 -30.03
CA TYR B 82 2.73 1.33 -31.09
C TYR B 82 3.92 0.42 -30.79
N THR B 83 4.38 -0.30 -31.82
CA THR B 83 5.59 -1.11 -31.68
C THR B 83 6.85 -0.27 -31.73
N ARG B 84 6.76 0.95 -32.26
CA ARG B 84 7.89 1.86 -32.35
C ARG B 84 7.34 3.27 -32.50
N PRO B 85 8.01 4.29 -31.93
CA PRO B 85 9.17 4.11 -31.05
C PRO B 85 8.70 3.82 -29.62
N LEU B 86 9.55 4.10 -28.64
CA LEU B 86 9.18 3.86 -27.26
C LEU B 86 8.02 4.77 -26.85
N PRO B 87 7.08 4.28 -26.05
CA PRO B 87 5.95 5.12 -25.61
C PRO B 87 6.40 6.14 -24.58
N ALA B 88 5.51 7.11 -24.34
CA ALA B 88 5.79 8.27 -23.50
C ALA B 88 4.46 9.01 -23.31
N ASP B 89 4.35 9.80 -22.22
CA ASP B 89 5.38 10.02 -21.19
C ASP B 89 4.91 9.62 -19.80
N GLY B 90 3.59 9.56 -19.57
CA GLY B 90 3.05 9.11 -18.32
C GLY B 90 1.94 10.01 -17.82
N LEU B 91 1.46 9.73 -16.61
CA LEU B 91 0.47 10.54 -15.94
C LEU B 91 0.84 10.68 -14.48
N VAL B 92 0.20 11.62 -13.80
CA VAL B 92 0.65 12.03 -12.47
C VAL B 92 -0.51 12.67 -11.72
N PHE B 93 -0.56 12.40 -10.42
CA PHE B 93 -1.39 13.14 -9.48
C PHE B 93 -0.52 14.18 -8.79
N PHE B 94 -0.98 15.42 -8.74
CA PHE B 94 -0.14 16.49 -8.23
C PHE B 94 -0.95 17.44 -7.36
N MET B 95 -0.27 18.00 -6.35
CA MET B 95 -0.81 19.02 -5.48
C MET B 95 0.15 20.19 -5.46
N GLY B 96 -0.37 21.39 -5.64
CA GLY B 96 0.47 22.57 -5.67
C GLY B 96 -0.31 23.86 -5.61
N PRO B 97 0.32 24.97 -5.97
CA PRO B 97 -0.33 26.27 -5.88
C PRO B 97 -1.66 26.31 -6.65
N THR B 98 -2.62 27.03 -6.09
CA THR B 98 -3.92 27.15 -6.71
C THR B 98 -3.83 27.97 -7.99
N LYS B 99 -4.86 27.84 -8.83
CA LYS B 99 -4.98 28.58 -10.09
C LYS B 99 -3.84 28.28 -11.06
N SER B 100 -3.32 27.05 -11.06
CA SER B 100 -2.22 26.76 -11.95
C SER B 100 -2.72 26.41 -13.34
N LYS B 101 -1.86 26.62 -14.33
CA LYS B 101 -2.08 26.28 -15.72
C LYS B 101 -1.10 25.17 -16.10
N PRO B 102 -1.35 24.46 -17.20
CA PRO B 102 -0.42 23.42 -17.62
C PRO B 102 1.01 23.94 -17.78
N ALA B 103 1.97 23.20 -17.22
CA ALA B 103 3.38 23.51 -17.41
C ALA B 103 3.91 22.81 -18.65
N GLN B 104 5.19 22.49 -18.67
CA GLN B 104 5.78 21.84 -19.83
C GLN B 104 5.30 20.39 -19.95
N GLY B 105 5.20 19.92 -21.18
CA GLY B 105 4.76 18.56 -21.46
C GLY B 105 5.91 17.58 -21.48
N TYR B 106 5.73 16.50 -22.24
CA TYR B 106 6.73 15.43 -22.41
C TYR B 106 7.06 14.90 -21.01
N GLY B 107 8.35 14.68 -20.70
CA GLY B 107 8.77 14.10 -19.44
C GLY B 107 8.50 14.94 -18.22
N TYR B 108 8.12 16.21 -18.41
CA TYR B 108 7.71 17.04 -17.29
C TYR B 108 6.24 16.85 -16.93
N LEU B 109 5.49 16.10 -17.74
CA LEU B 109 4.17 15.56 -17.40
C LEU B 109 3.11 16.63 -17.24
N GLY B 110 3.34 17.83 -17.76
CA GLY B 110 2.40 18.92 -17.58
C GLY B 110 2.43 19.57 -16.21
N VAL B 111 3.44 19.28 -15.39
CA VAL B 111 3.46 19.71 -14.00
C VAL B 111 4.68 20.58 -13.70
N PHE B 112 5.81 20.28 -14.35
CA PHE B 112 7.05 21.00 -14.11
C PHE B 112 7.51 21.71 -15.39
N ASN B 113 8.47 22.63 -15.22
CA ASN B 113 9.01 23.40 -16.34
C ASN B 113 10.37 22.89 -16.83
N ASN B 114 11.04 22.06 -16.03
CA ASN B 114 12.42 21.67 -16.29
C ASN B 114 12.75 20.53 -15.34
N SER B 115 13.99 20.07 -15.38
CA SER B 115 14.45 18.99 -14.51
C SER B 115 15.15 19.52 -13.26
N LYS B 116 14.93 20.78 -12.89
CA LYS B 116 15.60 21.36 -11.74
C LYS B 116 14.96 20.90 -10.44
N GLN B 117 15.74 20.99 -9.38
CA GLN B 117 15.23 20.92 -8.02
C GLN B 117 15.01 22.35 -7.54
N ASP B 118 13.75 22.76 -7.47
CA ASP B 118 13.38 24.16 -7.25
C ASP B 118 12.23 24.18 -6.25
N ASN B 119 12.52 24.67 -5.04
CA ASN B 119 11.50 24.70 -3.99
C ASN B 119 10.34 25.64 -4.31
N SER B 120 10.52 26.56 -5.26
CA SER B 120 9.43 27.45 -5.63
C SER B 120 8.37 26.76 -6.49
N TYR B 121 8.58 25.50 -6.88
CA TYR B 121 7.49 24.73 -7.46
C TYR B 121 6.35 24.57 -6.46
N GLN B 122 6.68 24.30 -5.20
CA GLN B 122 5.69 24.08 -4.15
C GLN B 122 4.69 23.00 -4.54
N THR B 123 5.20 21.94 -5.16
CA THR B 123 4.36 20.92 -5.78
C THR B 123 4.78 19.55 -5.29
N LEU B 124 3.80 18.79 -4.81
CA LEU B 124 3.95 17.38 -4.47
C LEU B 124 3.22 16.55 -5.51
N ALA B 125 3.86 15.47 -5.94
CA ALA B 125 3.27 14.68 -7.02
C ALA B 125 3.65 13.21 -6.87
N VAL B 126 2.74 12.34 -7.30
CA VAL B 126 2.99 10.91 -7.41
C VAL B 126 2.84 10.57 -8.88
N GLU B 127 3.95 10.21 -9.52
CA GLU B 127 3.96 10.02 -10.96
C GLU B 127 3.88 8.54 -11.31
N PHE B 128 3.37 8.27 -12.51
CA PHE B 128 3.33 6.93 -13.09
C PHE B 128 3.95 7.09 -14.48
N ASP B 129 5.26 6.88 -14.54
CA ASP B 129 6.14 7.41 -15.58
C ASP B 129 6.52 6.29 -16.54
N THR B 130 6.22 6.49 -17.83
CA THR B 130 6.38 5.46 -18.84
C THR B 130 7.59 5.66 -19.75
N PHE B 131 8.32 6.76 -19.62
CA PHE B 131 9.50 7.00 -20.44
C PHE B 131 10.67 7.39 -19.56
N SER B 132 11.82 6.76 -19.78
CA SER B 132 13.01 7.02 -19.00
C SER B 132 13.76 8.22 -19.58
N ASN B 133 13.63 9.36 -18.94
CA ASN B 133 14.37 10.56 -19.30
C ASN B 133 15.76 10.52 -18.66
N PRO B 134 16.66 11.43 -19.04
CA PRO B 134 18.01 11.42 -18.44
C PRO B 134 18.00 11.52 -16.92
N TRP B 135 16.97 12.09 -16.33
CA TRP B 135 16.86 12.22 -14.88
C TRP B 135 16.15 11.03 -14.23
N ASP B 136 15.74 10.03 -15.00
CA ASP B 136 14.93 8.92 -14.53
C ASP B 136 15.80 7.71 -14.23
N PRO B 137 15.33 6.83 -13.35
CA PRO B 137 15.86 5.47 -13.31
C PRO B 137 15.68 4.81 -14.65
N PRO B 138 16.47 3.79 -14.97
CA PRO B 138 16.34 3.16 -16.30
C PRO B 138 15.07 2.35 -16.48
N GLN B 139 14.45 1.86 -15.40
CA GLN B 139 13.28 1.01 -15.52
C GLN B 139 12.02 1.84 -15.75
N VAL B 140 11.25 1.47 -16.77
CA VAL B 140 9.93 2.05 -17.00
C VAL B 140 8.94 0.93 -17.31
N PRO B 141 7.67 1.06 -16.89
CA PRO B 141 7.20 2.21 -16.12
C PRO B 141 7.64 2.15 -14.66
N HIS B 142 7.53 3.28 -13.95
CA HIS B 142 7.84 3.31 -12.53
C HIS B 142 6.92 4.31 -11.86
N ILE B 143 6.60 4.03 -10.59
CA ILE B 143 5.97 5.01 -9.72
C ILE B 143 7.05 5.92 -9.18
N GLY B 144 6.73 7.21 -9.01
CA GLY B 144 7.68 8.11 -8.42
C GLY B 144 7.02 9.11 -7.50
N ILE B 145 7.69 9.43 -6.39
CA ILE B 145 7.25 10.48 -5.48
C ILE B 145 8.08 11.72 -5.79
N ASP B 146 7.42 12.78 -6.26
CA ASP B 146 8.08 13.98 -6.72
C ASP B 146 7.85 15.10 -5.72
N VAL B 147 8.93 15.67 -5.21
CA VAL B 147 8.89 16.79 -4.27
C VAL B 147 9.68 17.94 -4.88
N ASN B 148 8.98 18.92 -5.44
CA ASN B 148 9.57 20.13 -5.99
C ASN B 148 10.56 19.84 -7.13
N SER B 149 10.38 18.70 -7.80
CA SER B 149 11.22 18.32 -8.92
C SER B 149 10.63 17.12 -9.63
N ILE B 150 10.82 17.07 -10.95
CA ILE B 150 10.51 15.87 -11.71
C ILE B 150 11.49 14.74 -11.40
N ARG B 151 12.59 15.07 -10.74
CA ARG B 151 13.59 14.09 -10.31
C ARG B 151 13.10 13.50 -8.98
N SER B 152 12.56 12.28 -9.04
CA SER B 152 11.86 11.73 -7.89
C SER B 152 12.82 11.44 -6.73
N ILE B 153 12.37 11.76 -5.52
CA ILE B 153 13.12 11.35 -4.32
C ILE B 153 13.04 9.86 -4.09
N LYS B 154 12.12 9.17 -4.75
CA LYS B 154 11.96 7.73 -4.59
C LYS B 154 11.17 7.20 -5.78
N THR B 155 11.62 6.08 -6.35
CA THR B 155 10.92 5.46 -7.47
C THR B 155 10.75 3.97 -7.20
N GLN B 156 9.73 3.40 -7.85
CA GLN B 156 9.45 1.98 -7.74
C GLN B 156 9.03 1.45 -9.10
N PRO B 157 9.80 0.54 -9.69
CA PRO B 157 9.43 -0.01 -10.99
C PRO B 157 8.17 -0.88 -10.88
N PHE B 158 7.36 -0.83 -11.94
CA PHE B 158 6.23 -1.74 -12.03
C PHE B 158 6.03 -2.13 -13.48
N GLN B 159 5.43 -3.29 -13.68
CA GLN B 159 5.20 -3.82 -15.01
C GLN B 159 3.84 -3.36 -15.49
N LEU B 160 3.80 -2.73 -16.66
CA LEU B 160 2.52 -2.33 -17.23
C LEU B 160 1.72 -3.56 -17.63
N ASP B 161 0.42 -3.52 -17.36
CA ASP B 161 -0.53 -4.48 -17.92
C ASP B 161 -1.26 -3.73 -19.03
N ASN B 162 -0.81 -3.93 -20.26
CA ASN B 162 -1.13 -3.03 -21.35
C ASN B 162 -2.64 -2.93 -21.56
N GLY B 163 -3.17 -1.72 -21.40
CA GLY B 163 -4.58 -1.46 -21.61
C GLY B 163 -5.48 -1.75 -20.43
N GLN B 164 -4.98 -2.39 -19.38
CA GLN B 164 -5.80 -2.80 -18.25
C GLN B 164 -5.94 -1.68 -17.23
N VAL B 165 -7.00 -1.76 -16.44
CA VAL B 165 -7.29 -0.74 -15.44
C VAL B 165 -6.48 -1.02 -14.18
N ALA B 166 -5.82 0.02 -13.68
CA ALA B 166 -5.08 -0.04 -12.43
C ALA B 166 -5.78 0.83 -11.40
N ASN B 167 -5.79 0.37 -10.15
CA ASN B 167 -6.31 1.15 -9.03
C ASN B 167 -5.14 1.73 -8.25
N VAL B 168 -5.23 3.02 -7.92
CA VAL B 168 -4.20 3.72 -7.19
C VAL B 168 -4.78 4.20 -5.87
N VAL B 169 -4.04 3.97 -4.78
CA VAL B 169 -4.32 4.57 -3.49
C VAL B 169 -3.09 5.36 -3.08
N ILE B 170 -3.28 6.64 -2.74
CA ILE B 170 -2.23 7.51 -2.26
C ILE B 170 -2.68 8.09 -0.93
N LYS B 171 -1.84 7.96 0.10
CA LYS B 171 -2.21 8.34 1.45
C LYS B 171 -1.06 9.05 2.14
N TYR B 172 -1.37 10.13 2.84
CA TYR B 172 -0.39 10.91 3.59
C TYR B 172 -0.86 11.06 5.03
N ASP B 173 -0.04 10.59 5.97
CA ASP B 173 -0.29 10.79 7.39
C ASP B 173 0.61 11.90 7.90
N ALA B 174 0.00 12.98 8.40
CA ALA B 174 0.76 14.15 8.82
C ALA B 174 1.61 13.88 10.05
N SER B 175 1.19 12.94 10.90
CA SER B 175 1.91 12.68 12.14
C SER B 175 3.26 12.02 11.88
N SER B 176 3.28 11.01 11.01
CA SER B 176 4.51 10.35 10.64
C SER B 176 5.17 10.93 9.40
N LYS B 177 4.48 11.86 8.71
CA LYS B 177 4.96 12.46 7.46
C LYS B 177 5.24 11.41 6.38
N ILE B 178 4.51 10.31 6.41
CA ILE B 178 4.69 9.22 5.44
C ILE B 178 3.73 9.43 4.28
N LEU B 179 4.28 9.64 3.09
CA LEU B 179 3.50 9.61 1.86
C LEU B 179 3.61 8.21 1.26
N LEU B 180 2.47 7.60 1.01
CA LEU B 180 2.41 6.23 0.52
C LEU B 180 1.58 6.18 -0.75
N ALA B 181 1.95 5.27 -1.65
CA ALA B 181 1.18 5.05 -2.86
C ALA B 181 1.18 3.58 -3.19
N VAL B 182 0.02 3.07 -3.61
CA VAL B 182 -0.17 1.67 -3.97
C VAL B 182 -0.80 1.62 -5.35
N LEU B 183 -0.33 0.68 -6.18
CA LEU B 183 -0.96 0.39 -7.46
C LEU B 183 -1.33 -1.09 -7.50
N VAL B 184 -2.57 -1.37 -7.87
CA VAL B 184 -3.09 -2.73 -7.98
C VAL B 184 -3.65 -2.91 -9.38
N TYR B 185 -3.32 -4.04 -10.00
CA TYR B 185 -3.92 -4.44 -11.27
C TYR B 185 -4.91 -5.57 -10.99
N PRO B 186 -6.22 -5.30 -10.93
CA PRO B 186 -7.18 -6.40 -10.74
C PRO B 186 -7.07 -7.49 -11.79
N SER B 187 -6.74 -7.12 -13.03
CA SER B 187 -6.67 -8.09 -14.12
C SER B 187 -5.66 -9.20 -13.82
N SER B 188 -4.54 -8.85 -13.18
CA SER B 188 -3.48 -9.80 -12.90
C SER B 188 -3.25 -10.06 -11.42
N GLY B 189 -3.79 -9.23 -10.54
CA GLY B 189 -3.53 -9.33 -9.12
C GLY B 189 -2.29 -8.63 -8.65
N ALA B 190 -1.49 -8.06 -9.56
CA ALA B 190 -0.23 -7.45 -9.19
C ALA B 190 -0.43 -6.28 -8.24
N ILE B 191 0.48 -6.15 -7.27
CA ILE B 191 0.45 -5.09 -6.28
C ILE B 191 1.83 -4.45 -6.22
N TYR B 192 1.88 -3.13 -6.22
CA TYR B 192 3.12 -2.38 -6.10
C TYR B 192 2.93 -1.30 -5.05
N THR B 193 3.98 -1.05 -4.27
CA THR B 193 3.93 -0.06 -3.20
C THR B 193 5.16 0.83 -3.27
N ILE B 194 5.02 2.02 -2.69
CA ILE B 194 6.13 2.97 -2.58
C ILE B 194 5.79 3.94 -1.46
N ALA B 195 6.80 4.31 -0.68
CA ALA B 195 6.58 5.23 0.42
C ALA B 195 7.86 5.99 0.72
N GLU B 196 7.70 7.23 1.19
CA GLU B 196 8.84 8.08 1.51
C GLU B 196 8.37 9.20 2.42
N ILE B 197 9.31 9.74 3.21
CA ILE B 197 9.01 10.83 4.13
C ILE B 197 8.82 12.13 3.35
N VAL B 198 7.71 12.82 3.60
CA VAL B 198 7.42 14.10 2.98
C VAL B 198 6.91 15.05 4.07
N ASP B 199 7.54 16.21 4.19
CA ASP B 199 7.11 17.25 5.12
C ASP B 199 6.38 18.31 4.30
N VAL B 200 5.06 18.16 4.16
CA VAL B 200 4.30 19.04 3.28
C VAL B 200 4.29 20.47 3.80
N LYS B 201 4.68 20.69 5.06
CA LYS B 201 4.75 22.05 5.58
C LYS B 201 5.86 22.85 4.90
N GLN B 202 6.96 22.19 4.55
CA GLN B 202 8.06 22.82 3.82
C GLN B 202 7.90 22.75 2.31
N VAL B 203 6.87 22.06 1.82
CA VAL B 203 6.71 21.80 0.39
C VAL B 203 5.54 22.56 -0.18
N LEU B 204 4.33 22.26 0.27
CA LEU B 204 3.12 22.81 -0.29
C LEU B 204 2.79 24.16 0.33
N PRO B 205 2.05 25.01 -0.39
CA PRO B 205 1.50 26.21 0.25
C PRO B 205 0.37 25.86 1.21
N GLU B 206 -0.19 26.86 1.89
CA GLU B 206 -1.26 26.58 2.86
C GLU B 206 -2.48 25.98 2.17
N TRP B 207 -2.89 26.59 1.07
CA TRP B 207 -3.98 26.07 0.23
C TRP B 207 -3.40 25.55 -1.07
N VAL B 208 -3.96 24.45 -1.58
CA VAL B 208 -3.46 23.81 -2.79
C VAL B 208 -4.63 23.42 -3.69
N ASP B 209 -4.32 23.29 -4.98
CA ASP B 209 -5.18 22.57 -5.91
C ASP B 209 -4.69 21.13 -6.04
N VAL B 210 -5.63 20.21 -6.20
CA VAL B 210 -5.32 18.82 -6.49
C VAL B 210 -5.74 18.53 -7.92
N GLY B 211 -4.98 17.67 -8.60
CA GLY B 211 -5.23 17.43 -10.01
C GLY B 211 -4.54 16.20 -10.54
N LEU B 212 -4.88 15.88 -11.78
CA LEU B 212 -4.30 14.78 -12.54
C LEU B 212 -3.83 15.33 -13.88
N SER B 213 -2.67 14.87 -14.34
CA SER B 213 -2.11 15.35 -15.60
C SER B 213 -1.51 14.19 -16.37
N GLY B 214 -1.53 14.31 -17.70
CA GLY B 214 -0.94 13.30 -18.55
C GLY B 214 -0.27 13.97 -19.74
N ALA B 215 0.67 13.24 -20.35
CA ALA B 215 1.42 13.76 -21.47
C ALA B 215 1.93 12.63 -22.36
N THR B 216 1.81 12.82 -23.67
CA THR B 216 2.48 11.95 -24.63
C THR B 216 3.76 12.63 -25.12
N GLY B 217 4.50 11.93 -25.99
CA GLY B 217 5.91 12.22 -26.20
C GLY B 217 6.19 13.27 -27.27
N ALA B 218 7.48 13.48 -27.50
CA ALA B 218 7.99 14.60 -28.28
C ALA B 218 8.35 14.22 -29.70
N GLN B 219 8.01 13.00 -30.15
CA GLN B 219 8.20 12.60 -31.53
C GLN B 219 7.03 11.72 -31.95
N ARG B 220 6.90 11.53 -33.26
CA ARG B 220 5.73 10.83 -33.81
C ARG B 220 5.56 9.46 -33.19
N ASP B 221 4.36 9.20 -32.67
CA ASP B 221 3.91 7.93 -32.12
C ASP B 221 4.62 7.52 -30.83
N ALA B 222 5.37 8.43 -30.22
CA ALA B 222 5.85 8.22 -28.85
C ALA B 222 4.69 8.61 -27.93
N ALA B 223 3.70 7.73 -27.86
CA ALA B 223 2.41 8.08 -27.29
C ALA B 223 1.73 6.83 -26.73
N GLU B 224 0.68 7.08 -25.95
CA GLU B 224 -0.06 6.07 -25.21
C GLU B 224 -1.30 6.77 -24.65
N THR B 225 -2.31 5.98 -24.30
CA THR B 225 -3.48 6.60 -23.68
C THR B 225 -3.17 6.95 -22.22
N HIS B 226 -3.95 7.90 -21.68
CA HIS B 226 -3.91 8.25 -20.27
C HIS B 226 -5.35 8.48 -19.81
N ASP B 227 -6.10 7.38 -19.70
CA ASP B 227 -7.53 7.43 -19.39
C ASP B 227 -7.75 7.22 -17.91
N VAL B 228 -8.67 8.01 -17.33
CA VAL B 228 -9.00 7.95 -15.92
C VAL B 228 -10.50 7.68 -15.81
N TYR B 229 -10.87 6.70 -14.98
CA TYR B 229 -12.26 6.27 -14.87
C TYR B 229 -12.94 6.71 -13.59
N SER B 230 -12.20 6.99 -12.54
CA SER B 230 -12.77 7.42 -11.27
C SER B 230 -11.70 8.18 -10.51
N TRP B 231 -12.13 9.02 -9.57
CA TRP B 231 -11.20 9.84 -8.80
C TRP B 231 -11.90 10.27 -7.51
N SER B 232 -11.26 10.01 -6.38
CA SER B 232 -11.77 10.46 -5.10
C SER B 232 -10.65 11.06 -4.28
N PHE B 233 -11.02 11.88 -3.30
CA PHE B 233 -10.06 12.61 -2.49
C PHE B 233 -10.71 12.93 -1.15
N HIS B 234 -9.87 13.11 -0.14
CA HIS B 234 -10.34 13.44 1.21
C HIS B 234 -9.18 13.99 2.01
N ALA B 235 -9.37 15.17 2.61
CA ALA B 235 -8.36 15.77 3.47
C ALA B 235 -9.04 16.26 4.75
N SER B 236 -8.35 16.10 5.89
CA SER B 236 -8.87 16.52 7.19
C SER B 236 -7.79 17.29 7.93
N LEU B 237 -8.05 18.57 8.18
CA LEU B 237 -7.10 19.45 8.84
C LEU B 237 -7.44 19.56 10.32
N PRO B 238 -6.60 19.05 11.22
CA PRO B 238 -6.90 19.14 12.65
C PRO B 238 -6.94 20.59 13.13
N GLU B 239 -7.56 20.79 14.29
CA GLU B 239 -7.68 22.11 14.90
C GLU B 239 -7.35 22.07 16.38
#